data_9MW6
#
_entry.id   9MW6
#
_cell.length_a   1.00
_cell.length_b   1.00
_cell.length_c   1.00
_cell.angle_alpha   90.00
_cell.angle_beta   90.00
_cell.angle_gamma   90.00
#
_symmetry.space_group_name_H-M   'P 1'
#
loop_
_entity.id
_entity.type
_entity.pdbx_description
1 polymer AncD1D2
2 polymer 'RNA (27-MER)'
3 polymer 'RNA (27-MER)'
#
loop_
_entity_poly.entity_id
_entity_poly.type
_entity_poly.pdbx_seq_one_letter_code
_entity_poly.pdbx_strand_id
1 'polypeptide(L)'
;MDETDEDEFTPRPYQVELLERAMKKNTIVCLGTGSGKTFIAVMLIKELAHEIRGPFNEGGKRTFFLVNTVPLVNQQAKVI
RKHTSLKVGEYVGDMGVDSWNKEKWNQEFEKHQVLVMTAQIFLDILNHGFISLSQVNLLIFDECHHAVKNHPYRQIMRHY
KNLEQNDRPRILGLTASVINSKCKPNQVEKKIKELEATLNSRVVTASDLEEVAVQKYATKPKEIIVSYNSDRKSDTSEVI
ENIINQALEQLSNIEETSNLNDTNSLKQIKKVLRDIKNILDELGPWCAHRVIKSRIRQLEKRESETAEELRTIRELLQSI
FEQIINVLKNLEKLQKNNSVEFVSPKVKKLLEILKQYFSNNNNSSKELCGIIFVERRYTAYVLYKLLNELSAKRDDDFSF
IKCDFVVGHNSSPSSKEKSTEMNSKKQKEVLKKFRKGECNLLVATSVVEEGIDIPKCNLVVRFDLPKNFRSYVQSKGRAR
AKNSKYIIMVEEDEKNKFQEDLNQYQEIEKILLRLCHNRDAPSEEDFDSFEDELLPPYMPYGTDGPRVTMSSAISLLHRY
CSKLPSDRFTTLTPKFTYIEQNNEEENKMFRCTLRLPINSPLREPITGQPMPSKKLAKRSAALEACKKLHEMGELDDHLL
PVKISRKNAELK
;
A
2 'polyribonucleotide' AUACGUCCUGAUAGUUAGUAUCCAUCG B
3 'polyribonucleotide' CGAUGGAUACUAACUAUCAGGACGUAU C
#
loop_
_chem_comp.id
_chem_comp.type
_chem_comp.name
_chem_comp.formula
A RNA linking ADENOSINE-5'-MONOPHOSPHATE 'C10 H14 N5 O7 P'
C RNA linking CYTIDINE-5'-MONOPHOSPHATE 'C9 H14 N3 O8 P'
G RNA linking GUANOSINE-5'-MONOPHOSPHATE 'C10 H14 N5 O8 P'
U RNA linking URIDINE-5'-MONOPHOSPHATE 'C9 H13 N2 O9 P'
#
# COMPACT_ATOMS: atom_id res chain seq x y z
N GLU A 8 -6.93 -23.36 -5.59
CA GLU A 8 -7.63 -24.39 -4.84
C GLU A 8 -7.31 -24.32 -3.36
N PHE A 9 -8.30 -24.66 -2.53
CA PHE A 9 -8.14 -24.62 -1.07
C PHE A 9 -7.74 -26.01 -0.56
N THR A 10 -6.55 -26.44 -0.98
CA THR A 10 -6.00 -27.72 -0.57
C THR A 10 -4.56 -27.50 -0.12
N PRO A 11 -4.18 -28.00 1.06
CA PRO A 11 -2.79 -27.87 1.51
C PRO A 11 -1.84 -28.68 0.63
N ARG A 12 -0.60 -28.20 0.55
CA ARG A 12 0.42 -28.83 -0.27
C ARG A 12 1.67 -29.09 0.57
N PRO A 13 2.45 -30.11 0.21
CA PRO A 13 3.68 -30.38 0.98
C PRO A 13 4.66 -29.21 1.00
N TYR A 14 4.92 -28.62 -0.17
CA TYR A 14 5.89 -27.53 -0.23
C TYR A 14 5.37 -26.25 0.42
N GLN A 15 4.10 -26.18 0.77
CA GLN A 15 3.59 -25.06 1.55
C GLN A 15 3.44 -25.41 3.03
N VAL A 16 3.12 -26.66 3.37
CA VAL A 16 3.06 -27.01 4.79
C VAL A 16 4.45 -27.02 5.40
N GLU A 17 5.48 -27.31 4.60
CA GLU A 17 6.84 -27.19 5.13
C GLU A 17 7.15 -25.75 5.52
N LEU A 18 6.74 -24.80 4.69
CA LEU A 18 6.91 -23.38 5.04
C LEU A 18 6.04 -23.01 6.23
N LEU A 19 4.86 -23.62 6.34
CA LEU A 19 4.02 -23.41 7.53
C LEU A 19 4.75 -23.84 8.78
N GLU A 20 5.38 -25.01 8.75
CA GLU A 20 6.15 -25.48 9.90
C GLU A 20 7.34 -24.56 10.16
N ARG A 21 7.96 -24.06 9.10
CA ARG A 21 9.09 -23.13 9.27
C ARG A 21 8.64 -21.84 9.95
N ALA A 22 7.47 -21.33 9.57
CA ALA A 22 6.97 -20.08 10.15
C ALA A 22 6.30 -20.27 11.51
N MET A 23 5.97 -21.51 11.88
CA MET A 23 5.33 -21.76 13.17
C MET A 23 6.23 -21.34 14.34
N LYS A 24 7.54 -21.33 14.14
CA LYS A 24 8.46 -21.06 15.24
C LYS A 24 8.39 -19.60 15.66
N LYS A 25 8.77 -18.69 14.76
CA LYS A 25 8.84 -17.27 15.06
C LYS A 25 8.32 -16.50 13.85
N ASN A 26 8.49 -15.18 13.88
CA ASN A 26 8.01 -14.35 12.78
C ASN A 26 8.79 -14.62 11.51
N THR A 27 8.07 -14.73 10.40
CA THR A 27 8.67 -15.12 9.13
C THR A 27 7.99 -14.38 7.99
N ILE A 28 8.75 -14.08 6.95
CA ILE A 28 8.25 -13.42 5.76
C ILE A 28 8.50 -14.33 4.56
N VAL A 29 7.46 -14.55 3.77
CA VAL A 29 7.55 -15.41 2.59
C VAL A 29 7.73 -14.55 1.35
N CYS A 30 8.49 -15.06 0.39
CA CYS A 30 8.73 -14.39 -0.88
C CYS A 30 8.25 -15.25 -2.04
N LEU A 31 7.06 -15.82 -1.89
CA LEU A 31 6.50 -16.67 -2.94
C LEU A 31 6.17 -15.84 -4.17
N GLY A 32 6.19 -16.49 -5.33
CA GLY A 32 5.91 -15.81 -6.58
C GLY A 32 4.47 -15.33 -6.67
N THR A 33 4.26 -14.38 -7.59
CA THR A 33 2.94 -13.81 -7.77
C THR A 33 1.97 -14.84 -8.34
N GLY A 34 0.70 -14.68 -7.98
CA GLY A 34 -0.33 -15.58 -8.46
C GLY A 34 -0.31 -16.96 -7.83
N SER A 35 0.40 -17.14 -6.73
CA SER A 35 0.52 -18.44 -6.09
C SER A 35 -0.51 -18.64 -4.99
N GLY A 36 -1.45 -17.70 -4.82
CA GLY A 36 -2.41 -17.80 -3.75
C GLY A 36 -1.78 -17.73 -2.38
N LYS A 37 -0.89 -16.75 -2.19
CA LYS A 37 -0.17 -16.64 -0.93
C LYS A 37 -1.08 -16.45 0.26
N THR A 38 -2.31 -15.96 0.05
CA THR A 38 -3.26 -15.82 1.15
C THR A 38 -3.68 -17.17 1.71
N PHE A 39 -3.48 -18.26 0.95
CA PHE A 39 -3.74 -19.58 1.48
C PHE A 39 -2.89 -19.85 2.72
N ILE A 40 -1.63 -19.41 2.69
CA ILE A 40 -0.77 -19.57 3.85
C ILE A 40 -1.35 -18.83 5.05
N ALA A 41 -1.81 -17.60 4.82
CA ALA A 41 -2.34 -16.80 5.92
C ALA A 41 -3.58 -17.45 6.53
N VAL A 42 -4.48 -17.97 5.69
CA VAL A 42 -5.69 -18.59 6.25
C VAL A 42 -5.33 -19.88 6.97
N MET A 43 -4.37 -20.64 6.44
CA MET A 43 -3.94 -21.85 7.14
C MET A 43 -3.39 -21.52 8.52
N LEU A 44 -2.53 -20.51 8.60
CA LEU A 44 -1.97 -20.12 9.88
C LEU A 44 -3.06 -19.63 10.84
N ILE A 45 -3.99 -18.82 10.34
CA ILE A 45 -5.07 -18.35 11.21
C ILE A 45 -5.93 -19.51 11.68
N LYS A 46 -6.00 -20.58 10.89
CA LYS A 46 -6.72 -21.77 11.32
C LYS A 46 -5.95 -22.52 12.40
N GLU A 47 -4.62 -22.55 12.29
CA GLU A 47 -3.82 -23.35 13.20
C GLU A 47 -3.95 -22.86 14.64
N LEU A 48 -3.96 -21.54 14.84
CA LEU A 48 -4.00 -20.95 16.17
C LEU A 48 -5.41 -20.59 16.60
N ALA A 49 -6.41 -21.32 16.13
CA ALA A 49 -7.79 -21.00 16.44
C ALA A 49 -8.17 -21.33 17.88
N HIS A 50 -7.31 -22.01 18.62
CA HIS A 50 -7.64 -22.51 19.95
C HIS A 50 -7.32 -21.53 21.06
N GLU A 51 -6.93 -20.29 20.74
CA GLU A 51 -6.59 -19.30 21.74
C GLU A 51 -7.48 -18.07 21.70
N ILE A 52 -8.49 -18.06 20.81
CA ILE A 52 -9.32 -16.87 20.61
C ILE A 52 -10.55 -16.85 21.49
N ARG A 53 -10.95 -18.00 22.06
CA ARG A 53 -12.16 -18.07 22.84
C ARG A 53 -12.12 -17.22 24.10
N GLY A 54 -10.93 -16.81 24.54
CA GLY A 54 -10.80 -16.03 25.74
C GLY A 54 -11.60 -14.74 25.67
N PRO A 55 -12.47 -14.54 26.65
CA PRO A 55 -13.25 -13.29 26.71
C PRO A 55 -12.37 -12.09 27.01
N PHE A 56 -12.78 -10.94 26.47
CA PHE A 56 -12.02 -9.71 26.60
C PHE A 56 -12.43 -8.88 27.81
N ASN A 57 -13.48 -9.25 28.52
CA ASN A 57 -13.72 -8.63 29.82
C ASN A 57 -12.64 -9.02 30.82
N GLU A 58 -12.02 -10.19 30.63
CA GLU A 58 -11.02 -10.70 31.55
C GLU A 58 -9.65 -10.88 30.91
N GLY A 59 -9.51 -10.61 29.60
CA GLY A 59 -8.19 -10.65 29.00
C GLY A 59 -7.94 -11.66 27.91
N GLY A 60 -8.95 -11.97 27.10
CA GLY A 60 -8.77 -12.86 25.98
C GLY A 60 -7.96 -12.22 24.87
N LYS A 61 -7.83 -12.96 23.77
CA LYS A 61 -7.04 -12.50 22.64
C LYS A 61 -7.82 -12.64 21.34
N ARG A 62 -7.74 -11.62 20.49
CA ARG A 62 -8.27 -11.63 19.14
C ARG A 62 -7.12 -11.46 18.14
N THR A 63 -7.48 -11.29 16.88
CA THR A 63 -6.52 -11.14 15.80
C THR A 63 -6.82 -9.84 15.05
N PHE A 64 -5.77 -9.21 14.52
CA PHE A 64 -5.91 -8.01 13.70
C PHE A 64 -5.18 -8.21 12.38
N PHE A 65 -5.77 -7.70 11.31
CA PHE A 65 -5.21 -7.79 9.96
C PHE A 65 -4.90 -6.38 9.45
N LEU A 66 -3.82 -6.24 8.69
CA LEU A 66 -3.41 -4.96 8.15
C LEU A 66 -3.43 -5.02 6.62
N VAL A 67 -4.09 -4.03 6.00
CA VAL A 67 -4.23 -3.97 4.55
C VAL A 67 -4.08 -2.52 4.11
N ASN A 68 -3.39 -2.31 2.98
CA ASN A 68 -3.09 -0.96 2.53
C ASN A 68 -4.33 -0.20 2.09
N THR A 69 -5.15 -0.79 1.22
CA THR A 69 -6.16 -0.03 0.49
C THR A 69 -7.52 -0.70 0.56
N VAL A 70 -8.54 0.07 0.16
CA VAL A 70 -9.93 -0.37 0.32
C VAL A 70 -10.27 -1.61 -0.50
N PRO A 71 -9.95 -1.68 -1.80
CA PRO A 71 -10.41 -2.84 -2.58
C PRO A 71 -9.99 -4.18 -1.99
N LEU A 72 -8.80 -4.27 -1.40
CA LEU A 72 -8.38 -5.52 -0.80
C LEU A 72 -9.21 -5.91 0.41
N VAL A 73 -9.91 -4.95 1.02
CA VAL A 73 -10.58 -5.21 2.29
C VAL A 73 -11.66 -6.28 2.12
N ASN A 74 -12.64 -6.00 1.27
CA ASN A 74 -13.69 -6.99 1.05
C ASN A 74 -13.14 -8.25 0.43
N GLN A 75 -12.12 -8.13 -0.42
CA GLN A 75 -11.53 -9.31 -1.05
C GLN A 75 -11.01 -10.29 0.00
N GLN A 76 -10.26 -9.78 0.98
CA GLN A 76 -9.73 -10.64 2.02
C GLN A 76 -10.82 -11.11 2.97
N ALA A 77 -11.74 -10.21 3.31
CA ALA A 77 -12.81 -10.57 4.25
C ALA A 77 -13.66 -11.71 3.69
N LYS A 78 -13.90 -11.69 2.38
CA LYS A 78 -14.71 -12.74 1.77
C LYS A 78 -14.07 -14.10 1.95
N VAL A 79 -12.78 -14.22 1.68
CA VAL A 79 -12.09 -15.49 1.83
C VAL A 79 -12.08 -15.93 3.29
N ILE A 80 -11.75 -14.99 4.18
CA ILE A 80 -11.66 -15.32 5.59
C ILE A 80 -13.00 -15.84 6.11
N ARG A 81 -14.08 -15.16 5.74
CA ARG A 81 -15.41 -15.59 6.16
C ARG A 81 -15.83 -16.90 5.49
N LYS A 82 -15.43 -17.11 4.24
CA LYS A 82 -15.87 -18.28 3.51
C LYS A 82 -15.22 -19.55 4.05
N HIS A 83 -13.90 -19.54 4.21
CA HIS A 83 -13.17 -20.77 4.51
C HIS A 83 -12.93 -20.99 5.99
N THR A 84 -13.47 -20.11 6.84
CA THR A 84 -13.42 -20.31 8.28
C THR A 84 -14.81 -20.10 8.86
N SER A 85 -15.08 -20.81 9.95
CA SER A 85 -16.35 -20.66 10.66
C SER A 85 -16.37 -19.43 11.55
N LEU A 86 -15.29 -18.67 11.58
CA LEU A 86 -15.17 -17.56 12.51
C LEU A 86 -16.08 -16.40 12.11
N LYS A 87 -16.55 -15.67 13.11
CA LYS A 87 -17.40 -14.49 12.91
C LYS A 87 -16.50 -13.27 12.84
N VAL A 88 -16.17 -12.85 11.63
CA VAL A 88 -15.26 -11.74 11.42
C VAL A 88 -16.05 -10.44 11.32
N GLY A 89 -15.33 -9.33 11.43
CA GLY A 89 -15.91 -8.02 11.20
C GLY A 89 -15.10 -7.28 10.16
N GLU A 90 -15.73 -6.25 9.59
CA GLU A 90 -15.12 -5.44 8.55
C GLU A 90 -15.14 -3.98 9.00
N TYR A 91 -13.99 -3.32 8.87
CA TYR A 91 -13.89 -1.93 9.28
C TYR A 91 -13.11 -1.15 8.23
N VAL A 92 -13.66 -0.02 7.82
CA VAL A 92 -13.02 0.88 6.87
C VAL A 92 -13.16 2.30 7.37
N GLY A 93 -12.30 3.18 6.87
CA GLY A 93 -12.34 4.57 7.27
C GLY A 93 -13.54 5.32 6.75
N ASP A 94 -14.16 4.84 5.68
CA ASP A 94 -15.28 5.55 5.08
C ASP A 94 -16.48 5.60 6.03
N MET A 95 -16.68 4.54 6.82
CA MET A 95 -17.84 4.50 7.70
C MET A 95 -17.78 5.58 8.78
N GLY A 96 -16.58 6.01 9.17
CA GLY A 96 -16.46 7.00 10.22
C GLY A 96 -16.57 6.40 11.61
N VAL A 97 -15.67 5.46 11.93
CA VAL A 97 -15.67 4.81 13.24
C VAL A 97 -15.05 5.66 14.32
N ASP A 98 -14.31 6.71 13.94
CA ASP A 98 -13.63 7.54 14.93
C ASP A 98 -14.61 8.28 15.83
N SER A 99 -15.86 8.42 15.40
CA SER A 99 -16.85 9.11 16.21
C SER A 99 -17.25 8.31 17.43
N TRP A 100 -16.85 7.04 17.52
CA TRP A 100 -17.29 6.18 18.60
C TRP A 100 -16.60 6.57 19.91
N ASN A 101 -17.11 6.02 21.01
CA ASN A 101 -16.56 6.22 22.33
C ASN A 101 -16.01 4.91 22.87
N LYS A 102 -15.56 4.94 24.13
CA LYS A 102 -14.93 3.77 24.73
C LYS A 102 -15.89 2.59 24.80
N GLU A 103 -17.11 2.83 25.28
CA GLU A 103 -18.04 1.73 25.49
C GLU A 103 -18.46 1.08 24.19
N LYS A 104 -18.66 1.88 23.14
CA LYS A 104 -19.00 1.31 21.84
C LYS A 104 -17.89 0.42 21.32
N TRP A 105 -16.64 0.87 21.46
CA TRP A 105 -15.51 0.05 21.04
C TRP A 105 -15.43 -1.23 21.85
N ASN A 106 -15.69 -1.15 23.16
CA ASN A 106 -15.67 -2.35 24.00
C ASN A 106 -16.74 -3.33 23.58
N GLN A 107 -17.94 -2.83 23.27
CA GLN A 107 -19.00 -3.70 22.78
C GLN A 107 -18.61 -4.34 21.46
N GLU A 108 -17.95 -3.57 20.59
CA GLU A 108 -17.46 -4.14 19.34
C GLU A 108 -16.46 -5.26 19.61
N PHE A 109 -15.56 -5.06 20.58
CA PHE A 109 -14.59 -6.09 20.91
C PHE A 109 -15.27 -7.34 21.43
N GLU A 110 -16.25 -7.17 22.31
CA GLU A 110 -16.95 -8.32 22.86
C GLU A 110 -17.71 -9.08 21.77
N LYS A 111 -18.35 -8.35 20.87
CA LYS A 111 -19.17 -8.99 19.84
C LYS A 111 -18.32 -9.75 18.84
N HIS A 112 -17.18 -9.20 18.43
CA HIS A 112 -16.45 -9.72 17.30
C HIS A 112 -15.38 -10.73 17.73
N GLN A 113 -14.86 -11.44 16.72
CA GLN A 113 -13.79 -12.41 16.91
C GLN A 113 -12.53 -12.02 16.15
N VAL A 114 -12.65 -11.75 14.85
CA VAL A 114 -11.53 -11.39 13.99
C VAL A 114 -11.84 -10.03 13.38
N LEU A 115 -10.89 -9.12 13.42
CA LEU A 115 -11.09 -7.76 12.95
C LEU A 115 -10.10 -7.45 11.83
N VAL A 116 -10.59 -6.80 10.79
CA VAL A 116 -9.78 -6.37 9.65
C VAL A 116 -9.96 -4.88 9.48
N MET A 117 -8.87 -4.18 9.18
CA MET A 117 -8.93 -2.74 9.00
C MET A 117 -7.69 -2.29 8.23
N THR A 118 -7.70 -1.02 7.85
CA THR A 118 -6.58 -0.43 7.14
C THR A 118 -5.45 -0.13 8.12
N ALA A 119 -4.42 0.58 7.67
CA ALA A 119 -3.26 0.84 8.52
C ALA A 119 -3.54 1.87 9.60
N GLN A 120 -4.19 2.98 9.24
CA GLN A 120 -4.23 4.15 10.13
C GLN A 120 -5.10 3.91 11.35
N ILE A 121 -6.10 3.03 11.24
CA ILE A 121 -7.05 2.85 12.33
C ILE A 121 -6.35 2.31 13.57
N PHE A 122 -5.37 1.43 13.38
CA PHE A 122 -4.64 0.93 14.54
C PHE A 122 -3.81 2.02 15.19
N LEU A 123 -3.18 2.89 14.40
CA LEU A 123 -2.54 4.06 14.99
C LEU A 123 -3.52 4.81 15.88
N ASP A 124 -4.70 5.11 15.35
CA ASP A 124 -5.64 5.93 16.12
C ASP A 124 -6.10 5.23 17.39
N ILE A 125 -6.37 3.92 17.31
CA ILE A 125 -6.84 3.20 18.48
C ILE A 125 -5.76 3.14 19.55
N LEU A 126 -4.53 2.82 19.15
CA LEU A 126 -3.44 2.68 20.12
C LEU A 126 -3.09 4.02 20.75
N ASN A 127 -2.88 5.03 19.92
CA ASN A 127 -2.33 6.29 20.43
C ASN A 127 -3.27 6.94 21.43
N HIS A 128 -4.56 6.96 21.14
CA HIS A 128 -5.52 7.54 22.07
C HIS A 128 -5.86 6.60 23.23
N GLY A 129 -5.08 5.52 23.40
CA GLY A 129 -5.21 4.71 24.58
C GLY A 129 -6.47 3.89 24.67
N PHE A 130 -7.12 3.60 23.54
CA PHE A 130 -8.34 2.82 23.59
C PHE A 130 -8.07 1.35 23.89
N ILE A 131 -6.83 0.90 23.74
CA ILE A 131 -6.46 -0.46 24.11
C ILE A 131 -4.95 -0.52 24.28
N SER A 132 -4.49 -1.51 25.03
CA SER A 132 -3.07 -1.77 25.21
C SER A 132 -2.55 -2.67 24.10
N LEU A 133 -1.23 -2.72 23.97
CA LEU A 133 -0.62 -3.66 23.04
C LEU A 133 -0.82 -5.10 23.48
N SER A 134 -1.27 -5.33 24.70
CA SER A 134 -1.59 -6.68 25.16
C SER A 134 -2.77 -7.24 24.38
N GLN A 135 -3.05 -8.52 24.63
CA GLN A 135 -4.24 -9.21 24.13
C GLN A 135 -4.27 -9.34 22.61
N VAL A 136 -3.19 -8.98 21.93
CA VAL A 136 -3.10 -9.11 20.48
C VAL A 136 -2.42 -10.44 20.20
N ASN A 137 -3.21 -11.45 19.86
CA ASN A 137 -2.64 -12.77 19.62
C ASN A 137 -1.77 -12.77 18.37
N LEU A 138 -2.16 -12.01 17.35
CA LEU A 138 -1.51 -12.12 16.06
C LEU A 138 -1.58 -10.80 15.31
N LEU A 139 -0.68 -10.63 14.34
CA LEU A 139 -0.71 -9.51 13.42
C LEU A 139 -0.14 -9.99 12.09
N ILE A 140 -0.71 -9.49 10.99
CA ILE A 140 -0.32 -9.90 9.65
C ILE A 140 0.10 -8.67 8.86
N PHE A 141 1.24 -8.77 8.17
CA PHE A 141 1.80 -7.67 7.40
C PHE A 141 1.89 -8.11 5.94
N ASP A 142 0.94 -7.65 5.12
CA ASP A 142 0.98 -7.88 3.69
C ASP A 142 1.56 -6.66 2.98
N GLU A 143 2.30 -6.90 1.91
CA GLU A 143 3.01 -5.85 1.19
C GLU A 143 3.83 -5.00 2.16
N CYS A 144 4.59 -5.70 3.01
CA CYS A 144 5.32 -5.07 4.10
C CYS A 144 6.43 -4.17 3.63
N HIS A 145 6.92 -4.35 2.39
CA HIS A 145 8.09 -3.62 1.92
C HIS A 145 7.83 -2.13 1.79
N HIS A 146 6.64 -1.69 2.17
CA HIS A 146 6.37 -0.27 2.29
C HIS A 146 6.93 0.33 3.56
N ALA A 147 7.36 -0.49 4.51
CA ALA A 147 7.78 0.00 5.84
C ALA A 147 9.17 0.61 5.73
N VAL A 148 9.21 1.81 5.15
CA VAL A 148 10.43 2.57 4.97
C VAL A 148 10.17 4.01 5.39
N LYS A 149 11.14 4.60 6.09
CA LYS A 149 11.06 5.98 6.58
C LYS A 149 9.97 6.14 7.63
N ASN A 150 8.81 6.65 7.22
CA ASN A 150 7.75 7.02 8.15
C ASN A 150 6.40 6.50 7.69
N HIS A 151 6.38 5.33 7.05
CA HIS A 151 5.11 4.69 6.77
C HIS A 151 4.47 4.24 8.08
N PRO A 152 3.14 4.25 8.17
CA PRO A 152 2.49 3.95 9.45
C PRO A 152 2.84 2.60 10.04
N TYR A 153 3.36 1.67 9.24
CA TYR A 153 3.81 0.40 9.82
C TYR A 153 4.90 0.62 10.85
N ARG A 154 5.85 1.52 10.55
CA ARG A 154 6.90 1.81 11.49
C ARG A 154 6.37 2.44 12.76
N GLN A 155 5.36 3.31 12.63
CA GLN A 155 4.80 3.94 13.82
C GLN A 155 4.03 2.94 14.68
N ILE A 156 3.37 1.95 14.06
CA ILE A 156 2.85 0.82 14.85
C ILE A 156 3.99 0.13 15.59
N MET A 157 5.04 -0.23 14.86
CA MET A 157 6.08 -1.06 15.45
C MET A 157 6.95 -0.30 16.45
N ARG A 158 6.81 1.02 16.52
CA ARG A 158 7.49 1.78 17.56
C ARG A 158 7.06 1.31 18.94
N HIS A 159 5.77 1.04 19.13
CA HIS A 159 5.27 0.59 20.42
C HIS A 159 5.70 -0.83 20.75
N TYR A 160 6.32 -1.54 19.81
CA TYR A 160 6.78 -2.89 20.08
C TYR A 160 7.83 -2.91 21.19
N LYS A 161 8.78 -1.97 21.15
CA LYS A 161 9.89 -1.93 22.09
C LYS A 161 9.68 -0.98 23.25
N ASN A 162 9.09 0.20 22.99
CA ASN A 162 8.87 1.17 24.05
C ASN A 162 8.02 0.56 25.16
N LEU A 163 6.99 -0.17 24.79
CA LEU A 163 6.19 -0.88 25.78
C LEU A 163 6.92 -2.15 26.22
N GLU A 164 6.43 -2.73 27.31
CA GLU A 164 7.00 -3.97 27.80
C GLU A 164 6.70 -5.12 26.83
N GLN A 165 7.47 -6.20 26.97
CA GLN A 165 7.29 -7.38 26.13
C GLN A 165 6.36 -8.41 26.76
N ASN A 166 5.42 -7.97 27.60
CA ASN A 166 4.50 -8.91 28.26
C ASN A 166 3.66 -9.67 27.24
N ASP A 167 3.40 -9.08 26.08
CA ASP A 167 2.70 -9.75 24.99
C ASP A 167 3.67 -9.93 23.82
N ARG A 168 3.68 -11.12 23.24
CA ARG A 168 4.55 -11.46 22.12
C ARG A 168 3.66 -11.91 20.96
N PRO A 169 3.17 -10.99 20.15
CA PRO A 169 2.36 -11.39 18.99
C PRO A 169 3.26 -11.83 17.85
N ARG A 170 2.98 -13.03 17.33
CA ARG A 170 3.69 -13.52 16.16
C ARG A 170 3.43 -12.60 14.98
N ILE A 171 4.43 -12.48 14.10
CA ILE A 171 4.35 -11.58 12.95
C ILE A 171 4.45 -12.41 11.69
N LEU A 172 3.52 -12.17 10.75
CA LEU A 172 3.51 -12.84 9.47
C LEU A 172 4.01 -11.88 8.39
N GLY A 173 4.58 -12.45 7.33
CA GLY A 173 5.14 -11.63 6.27
C GLY A 173 4.79 -12.07 4.86
N LEU A 174 4.11 -11.20 4.12
CA LEU A 174 3.75 -11.44 2.73
C LEU A 174 4.27 -10.30 1.88
N THR A 175 4.94 -10.62 0.77
CA THR A 175 5.42 -9.61 -0.16
C THR A 175 5.74 -10.27 -1.48
N ALA A 176 5.80 -9.45 -2.54
CA ALA A 176 6.24 -9.91 -3.85
C ALA A 176 7.54 -9.29 -4.31
N SER A 177 7.84 -8.06 -3.86
CA SER A 177 9.13 -7.44 -4.04
C SER A 177 9.61 -6.96 -2.69
N VAL A 178 10.93 -6.96 -2.51
CA VAL A 178 11.50 -6.66 -1.20
C VAL A 178 12.17 -5.29 -1.14
N ILE A 179 12.30 -4.59 -2.25
CA ILE A 179 12.85 -3.25 -2.27
C ILE A 179 11.99 -2.39 -3.19
N ASN A 180 11.68 -1.17 -2.74
CA ASN A 180 10.77 -0.29 -3.46
C ASN A 180 11.47 0.92 -4.06
N SER A 181 12.76 0.81 -4.37
CA SER A 181 13.48 1.89 -5.01
C SER A 181 14.59 1.31 -5.87
N LYS A 182 15.10 2.13 -6.78
CA LYS A 182 16.15 1.69 -7.67
C LYS A 182 17.42 1.35 -6.89
N CYS A 183 18.17 0.39 -7.40
CA CYS A 183 19.36 -0.10 -6.70
C CYS A 183 20.33 -0.67 -7.71
N LYS A 184 21.57 -0.81 -7.28
CA LYS A 184 22.63 -1.44 -8.04
C LYS A 184 22.97 -2.80 -7.45
N PRO A 185 23.48 -3.73 -8.26
CA PRO A 185 23.62 -5.12 -7.78
C PRO A 185 24.48 -5.27 -6.54
N ASN A 186 25.42 -4.35 -6.32
CA ASN A 186 26.29 -4.44 -5.15
C ASN A 186 25.63 -3.95 -3.87
N GLN A 187 24.45 -3.34 -3.94
CA GLN A 187 23.81 -2.72 -2.79
C GLN A 187 22.51 -3.40 -2.39
N VAL A 188 22.30 -4.65 -2.81
CA VAL A 188 21.03 -5.30 -2.51
C VAL A 188 20.95 -5.85 -1.09
N GLU A 189 22.10 -6.12 -0.46
CA GLU A 189 22.08 -6.71 0.87
C GLU A 189 21.75 -5.70 1.96
N LYS A 190 22.19 -4.46 1.79
CA LYS A 190 22.04 -3.46 2.85
C LYS A 190 20.57 -3.20 3.17
N LYS A 191 19.77 -2.91 2.14
CA LYS A 191 18.37 -2.61 2.35
C LYS A 191 17.65 -3.82 2.94
N ILE A 192 17.97 -5.02 2.45
CA ILE A 192 17.32 -6.23 2.94
C ILE A 192 17.61 -6.40 4.42
N LYS A 193 18.87 -6.22 4.82
CA LYS A 193 19.21 -6.38 6.22
C LYS A 193 18.50 -5.32 7.07
N GLU A 194 18.43 -4.08 6.58
CA GLU A 194 17.75 -3.03 7.34
C GLU A 194 16.28 -3.36 7.54
N LEU A 195 15.60 -3.78 6.47
CA LEU A 195 14.18 -4.11 6.58
C LEU A 195 13.97 -5.28 7.52
N GLU A 196 14.76 -6.34 7.38
CA GLU A 196 14.61 -7.49 8.25
C GLU A 196 14.84 -7.10 9.71
N ALA A 197 15.80 -6.22 9.95
CA ALA A 197 16.04 -5.74 11.31
C ALA A 197 14.83 -5.00 11.84
N THR A 198 14.19 -4.17 11.01
CA THR A 198 13.05 -3.40 11.47
C THR A 198 11.90 -4.31 11.90
N LEU A 199 11.59 -5.32 11.07
CA LEU A 199 10.51 -6.25 11.37
C LEU A 199 10.93 -7.38 12.30
N ASN A 200 12.23 -7.61 12.48
CA ASN A 200 12.74 -8.67 13.36
C ASN A 200 12.24 -10.05 12.93
N SER A 201 12.44 -10.37 11.65
CA SER A 201 12.01 -11.66 11.12
C SER A 201 13.05 -12.16 10.11
N ARG A 202 12.77 -13.32 9.53
CA ARG A 202 13.64 -13.92 8.54
C ARG A 202 12.85 -14.15 7.25
N VAL A 203 13.43 -13.75 6.13
CA VAL A 203 12.77 -13.89 4.83
C VAL A 203 13.07 -15.27 4.26
N VAL A 204 12.01 -15.98 3.85
CA VAL A 204 12.15 -17.28 3.23
C VAL A 204 11.74 -17.17 1.76
N THR A 205 11.91 -18.27 1.03
CA THR A 205 11.63 -18.28 -0.41
C THR A 205 10.96 -19.60 -0.78
N ALA A 206 10.57 -19.70 -2.04
CA ALA A 206 9.92 -20.91 -2.55
C ALA A 206 10.92 -22.05 -2.67
N SER A 207 10.42 -23.27 -2.52
CA SER A 207 11.24 -24.47 -2.58
C SER A 207 10.89 -25.35 -3.78
N ASP A 208 9.63 -25.76 -3.92
CA ASP A 208 9.20 -26.65 -4.98
C ASP A 208 8.04 -26.01 -5.73
N LEU A 209 8.33 -25.44 -6.89
CA LEU A 209 7.30 -24.86 -7.75
C LEU A 209 6.81 -25.90 -8.75
N GLU A 210 6.38 -27.04 -8.21
CA GLU A 210 6.06 -28.20 -9.03
C GLU A 210 4.90 -27.89 -9.98
N GLU A 211 3.87 -27.20 -9.49
CA GLU A 211 2.76 -26.82 -10.35
C GLU A 211 2.93 -25.44 -10.98
N VAL A 212 3.71 -24.57 -10.34
CA VAL A 212 3.93 -23.22 -10.88
C VAL A 212 4.75 -23.29 -12.17
N ALA A 213 5.73 -24.21 -12.22
CA ALA A 213 6.59 -24.32 -13.40
C ALA A 213 5.88 -24.91 -14.60
N VAL A 214 4.66 -25.41 -14.43
CA VAL A 214 3.93 -26.01 -15.54
C VAL A 214 3.11 -24.98 -16.31
N GLN A 215 2.30 -24.18 -15.60
CA GLN A 215 1.37 -23.26 -16.26
C GLN A 215 1.52 -21.81 -15.82
N LYS A 216 2.35 -21.51 -14.83
CA LYS A 216 2.53 -20.13 -14.39
C LYS A 216 3.96 -19.64 -14.59
N TYR A 217 4.95 -20.35 -14.05
CA TYR A 217 6.33 -19.93 -14.20
C TYR A 217 6.78 -20.06 -15.65
N ALA A 218 6.49 -21.19 -16.28
CA ALA A 218 6.87 -21.40 -17.67
C ALA A 218 6.12 -20.45 -18.60
N THR A 219 4.88 -20.11 -18.25
CA THR A 219 4.07 -19.21 -19.06
C THR A 219 4.36 -17.74 -18.75
N LYS A 220 5.52 -17.44 -18.19
CA LYS A 220 5.93 -16.06 -18.02
C LYS A 220 6.05 -15.38 -19.38
N PRO A 221 5.72 -14.10 -19.48
CA PRO A 221 5.72 -13.45 -20.80
C PRO A 221 7.14 -13.32 -21.33
N LYS A 222 7.40 -13.95 -22.47
CA LYS A 222 8.66 -13.75 -23.16
C LYS A 222 8.73 -12.33 -23.70
N GLU A 223 9.89 -11.70 -23.53
CA GLU A 223 10.04 -10.28 -23.85
C GLU A 223 10.12 -10.12 -25.36
N ILE A 224 9.28 -9.25 -25.89
CA ILE A 224 9.37 -8.81 -27.28
C ILE A 224 9.49 -7.30 -27.28
N ILE A 225 10.57 -6.80 -27.86
CA ILE A 225 10.90 -5.38 -27.81
C ILE A 225 10.81 -4.85 -29.23
N VAL A 226 10.06 -3.77 -29.41
CA VAL A 226 9.80 -3.21 -30.73
C VAL A 226 10.11 -1.72 -30.69
N SER A 227 10.77 -1.23 -31.73
CA SER A 227 11.18 0.16 -31.81
C SER A 227 10.26 0.95 -32.71
N TYR A 228 9.62 1.96 -32.16
CA TYR A 228 8.88 2.90 -33.00
C TYR A 228 9.86 3.89 -33.61
N ASN A 229 9.45 4.48 -34.73
CA ASN A 229 10.35 5.30 -35.52
C ASN A 229 9.84 6.73 -35.61
N SER A 230 9.46 7.30 -34.48
CA SER A 230 8.95 8.67 -34.47
C SER A 230 10.09 9.65 -34.71
N ASP A 231 10.63 9.65 -35.92
CA ASP A 231 11.70 10.56 -36.31
C ASP A 231 11.18 11.90 -36.82
N ARG A 232 9.87 12.06 -36.93
CA ARG A 232 9.29 13.29 -37.47
C ARG A 232 8.37 13.97 -36.47
N SER A 339 -7.32 8.64 -41.54
CA SER A 339 -7.24 9.82 -40.68
C SER A 339 -6.13 9.68 -39.65
N VAL A 340 -5.44 8.54 -39.67
CA VAL A 340 -4.34 8.33 -38.75
C VAL A 340 -3.14 9.21 -39.09
N GLU A 341 -3.11 9.78 -40.29
CA GLU A 341 -2.05 10.71 -40.64
C GLU A 341 -2.07 11.97 -39.80
N PHE A 342 -3.16 12.23 -39.08
CA PHE A 342 -3.30 13.42 -38.25
C PHE A 342 -2.74 13.23 -36.85
N VAL A 343 -2.23 12.04 -36.52
CA VAL A 343 -1.70 11.78 -35.19
C VAL A 343 -0.24 11.36 -35.29
N SER A 344 0.38 11.07 -34.16
CA SER A 344 1.79 10.76 -34.12
C SER A 344 2.07 9.41 -34.79
N PRO A 345 3.27 9.23 -35.36
CA PRO A 345 3.60 7.94 -35.98
C PRO A 345 3.58 6.78 -35.00
N LYS A 346 3.80 7.05 -33.70
CA LYS A 346 3.73 5.98 -32.72
C LYS A 346 2.34 5.35 -32.71
N VAL A 347 1.30 6.14 -32.97
CA VAL A 347 -0.05 5.59 -33.04
C VAL A 347 -0.16 4.60 -34.19
N LYS A 348 0.39 4.96 -35.36
CA LYS A 348 0.35 4.06 -36.50
C LYS A 348 1.15 2.79 -36.23
N LYS A 349 2.31 2.93 -35.58
CA LYS A 349 3.09 1.74 -35.25
C LYS A 349 2.37 0.85 -34.25
N LEU A 350 1.68 1.46 -33.29
CA LEU A 350 0.87 0.71 -32.35
C LEU A 350 -0.24 -0.05 -33.06
N LEU A 351 -0.90 0.60 -34.01
CA LEU A 351 -1.92 -0.09 -34.79
C LEU A 351 -1.31 -1.26 -35.56
N GLU A 352 -0.13 -1.04 -36.14
CA GLU A 352 0.53 -2.10 -36.91
C GLU A 352 0.86 -3.29 -36.02
N ILE A 353 1.37 -3.02 -34.82
CA ILE A 353 1.78 -4.12 -33.96
C ILE A 353 0.55 -4.84 -33.38
N LEU A 354 -0.53 -4.10 -33.11
CA LEU A 354 -1.78 -4.75 -32.71
C LEU A 354 -2.30 -5.64 -33.82
N LYS A 355 -2.22 -5.18 -35.06
CA LYS A 355 -2.63 -6.01 -36.19
C LYS A 355 -1.75 -7.25 -36.28
N GLN A 356 -0.46 -7.09 -36.01
CA GLN A 356 0.42 -8.25 -36.01
C GLN A 356 -0.01 -9.27 -34.95
N TYR A 357 -0.38 -8.78 -33.77
CA TYR A 357 -0.86 -9.67 -32.72
C TYR A 357 -2.15 -10.36 -33.14
N PHE A 358 -3.05 -9.61 -33.78
CA PHE A 358 -4.28 -10.20 -34.27
C PHE A 358 -4.06 -11.12 -35.46
N SER A 359 -2.88 -11.08 -36.07
CA SER A 359 -2.55 -12.11 -37.05
C SER A 359 -2.62 -13.48 -36.40
N ASN A 360 -2.30 -13.56 -35.11
CA ASN A 360 -2.47 -14.80 -34.36
C ASN A 360 -3.93 -15.06 -34.05
N ASN A 361 -4.68 -14.02 -33.68
CA ASN A 361 -6.06 -14.17 -33.26
C ASN A 361 -7.04 -14.31 -34.42
N ASN A 362 -6.56 -14.22 -35.67
CA ASN A 362 -7.44 -14.44 -36.80
C ASN A 362 -8.05 -15.83 -36.78
N ASN A 363 -7.22 -16.85 -36.59
CA ASN A 363 -7.73 -18.19 -36.33
C ASN A 363 -8.24 -18.32 -34.91
N SER A 364 -7.51 -17.71 -33.96
CA SER A 364 -7.90 -17.74 -32.55
C SER A 364 -8.75 -16.51 -32.22
N SER A 365 -9.91 -16.46 -32.87
CA SER A 365 -10.86 -15.37 -32.65
C SER A 365 -11.64 -15.53 -31.35
N LYS A 366 -11.21 -16.42 -30.46
CA LYS A 366 -11.89 -16.64 -29.20
C LYS A 366 -11.65 -15.46 -28.25
N GLU A 367 -12.37 -15.48 -27.14
CA GLU A 367 -12.33 -14.36 -26.22
C GLU A 367 -10.97 -14.24 -25.55
N LEU A 368 -10.49 -13.00 -25.45
CA LEU A 368 -9.26 -12.68 -24.75
C LEU A 368 -9.29 -11.20 -24.39
N CYS A 369 -8.49 -10.83 -23.40
CA CYS A 369 -8.47 -9.46 -22.90
C CYS A 369 -7.03 -8.98 -22.77
N GLY A 370 -6.84 -7.68 -23.01
CA GLY A 370 -5.51 -7.10 -23.00
C GLY A 370 -5.46 -5.87 -22.12
N ILE A 371 -4.24 -5.49 -21.75
CA ILE A 371 -3.98 -4.38 -20.84
C ILE A 371 -3.02 -3.43 -21.52
N ILE A 372 -3.34 -2.14 -21.48
CA ILE A 372 -2.51 -1.10 -22.08
C ILE A 372 -2.17 -0.08 -21.00
N PHE A 373 -1.03 -0.28 -20.33
CA PHE A 373 -0.62 0.62 -19.26
C PHE A 373 -0.14 1.93 -19.87
N VAL A 374 -0.63 3.04 -19.34
CA VAL A 374 -0.24 4.37 -19.81
C VAL A 374 0.15 5.19 -18.59
N GLU A 375 0.88 6.28 -18.83
CA GLU A 375 1.28 7.16 -17.74
C GLU A 375 0.40 8.41 -17.64
N ARG A 376 0.34 9.22 -18.71
CA ARG A 376 -0.43 10.44 -18.65
C ARG A 376 -1.92 10.16 -18.67
N ARG A 377 -2.69 10.95 -17.92
CA ARG A 377 -4.14 10.78 -17.91
C ARG A 377 -4.76 11.09 -19.26
N TYR A 378 -4.37 12.23 -19.86
CA TYR A 378 -4.98 12.64 -21.12
C TYR A 378 -4.71 11.63 -22.22
N THR A 379 -3.53 11.01 -22.21
CA THR A 379 -3.25 9.97 -23.20
C THR A 379 -4.28 8.85 -23.10
N ALA A 380 -4.52 8.37 -21.89
CA ALA A 380 -5.55 7.36 -21.68
C ALA A 380 -6.91 7.87 -22.11
N TYR A 381 -7.20 9.15 -21.85
CA TYR A 381 -8.50 9.71 -22.23
C TYR A 381 -8.72 9.66 -23.72
N VAL A 382 -7.70 9.99 -24.51
CA VAL A 382 -7.91 10.11 -25.95
C VAL A 382 -7.74 8.78 -26.69
N LEU A 383 -6.98 7.83 -26.14
CA LEU A 383 -6.85 6.56 -26.85
C LEU A 383 -8.17 5.81 -26.93
N TYR A 384 -9.00 5.91 -25.88
CA TYR A 384 -10.31 5.28 -25.92
C TYR A 384 -11.17 5.86 -27.04
N LYS A 385 -11.18 7.18 -27.16
CA LYS A 385 -11.96 7.81 -28.23
C LYS A 385 -11.45 7.40 -29.60
N LEU A 386 -10.13 7.37 -29.78
CA LEU A 386 -9.59 6.97 -31.07
C LEU A 386 -9.95 5.52 -31.39
N LEU A 387 -9.84 4.63 -30.41
CA LEU A 387 -10.17 3.22 -30.63
C LEU A 387 -11.64 3.06 -31.00
N ASN A 388 -12.53 3.74 -30.27
CA ASN A 388 -13.95 3.64 -30.59
C ASN A 388 -14.24 4.17 -31.98
N GLU A 389 -13.61 5.28 -32.36
CA GLU A 389 -13.83 5.84 -33.68
C GLU A 389 -13.37 4.87 -34.76
N LEU A 390 -12.20 4.26 -34.58
CA LEU A 390 -11.68 3.35 -35.59
C LEU A 390 -12.39 2.00 -35.59
N SER A 391 -13.12 1.67 -34.52
CA SER A 391 -13.83 0.40 -34.47
C SER A 391 -15.01 0.34 -35.44
N ALA A 392 -15.39 1.45 -36.06
CA ALA A 392 -16.53 1.50 -36.95
C ALA A 392 -16.20 1.21 -38.41
N LYS A 393 -14.95 0.85 -38.71
CA LYS A 393 -14.54 0.55 -40.08
C LYS A 393 -15.05 -0.79 -40.58
N ARG A 394 -15.94 -1.45 -39.84
CA ARG A 394 -16.51 -2.74 -40.21
C ARG A 394 -15.44 -3.82 -40.41
N ASP A 395 -14.22 -3.57 -39.91
CA ASP A 395 -13.16 -4.56 -40.00
C ASP A 395 -13.45 -5.73 -39.09
N ASP A 396 -12.98 -6.91 -39.50
CA ASP A 396 -13.19 -8.11 -38.70
C ASP A 396 -12.52 -7.99 -37.34
N ASP A 397 -11.31 -7.46 -37.31
CA ASP A 397 -10.68 -7.15 -36.03
C ASP A 397 -11.45 -6.08 -35.29
N PHE A 398 -11.77 -4.98 -35.96
CA PHE A 398 -12.47 -3.87 -35.34
C PHE A 398 -13.92 -4.18 -35.04
N SER A 399 -14.44 -5.30 -35.53
CA SER A 399 -15.81 -5.69 -35.24
C SER A 399 -16.02 -5.93 -33.75
N PHE A 400 -14.97 -6.37 -33.04
CA PHE A 400 -15.00 -6.49 -31.59
C PHE A 400 -13.86 -5.64 -31.03
N ILE A 401 -14.14 -4.36 -30.82
CA ILE A 401 -13.19 -3.44 -30.20
C ILE A 401 -13.94 -2.60 -29.19
N LYS A 402 -13.42 -2.52 -27.97
CA LYS A 402 -14.07 -1.81 -26.89
C LYS A 402 -12.99 -1.18 -26.02
N CYS A 403 -13.36 -0.10 -25.34
CA CYS A 403 -12.40 0.57 -24.47
C CYS A 403 -13.15 1.23 -23.32
N ASP A 404 -12.42 1.47 -22.24
CA ASP A 404 -13.00 2.04 -21.04
C ASP A 404 -11.88 2.47 -20.10
N PHE A 405 -12.18 3.43 -19.24
CA PHE A 405 -11.21 4.03 -18.35
C PHE A 405 -11.21 3.31 -17.01
N VAL A 406 -10.04 3.16 -16.42
CA VAL A 406 -9.94 2.80 -15.01
C VAL A 406 -8.87 3.70 -14.38
N VAL A 407 -8.46 4.72 -15.12
CA VAL A 407 -7.30 5.54 -14.77
C VAL A 407 -7.63 6.50 -13.64
N GLY A 408 -6.59 7.12 -13.09
CA GLY A 408 -6.77 8.22 -12.17
C GLY A 408 -7.16 7.84 -10.78
N HIS A 409 -8.11 6.92 -10.64
CA HIS A 409 -8.62 6.46 -9.34
C HIS A 409 -9.23 7.68 -8.64
N ASN A 410 -9.03 7.83 -7.33
CA ASN A 410 -9.67 8.93 -6.62
C ASN A 410 -9.07 10.28 -7.02
N SER A 411 -7.85 10.29 -7.53
CA SER A 411 -7.18 11.51 -8.01
C SER A 411 -7.14 12.50 -6.85
N SER A 412 -7.48 13.76 -7.08
CA SER A 412 -7.61 14.72 -5.99
C SER A 412 -9.02 14.62 -5.42
N PRO A 413 -9.19 14.18 -4.17
CA PRO A 413 -10.54 14.03 -3.62
C PRO A 413 -11.33 15.32 -3.56
N SER A 414 -10.66 16.45 -3.33
CA SER A 414 -11.35 17.73 -3.19
C SER A 414 -11.42 18.45 -4.54
N SER A 415 -12.11 17.81 -5.49
CA SER A 415 -12.39 18.36 -6.82
C SER A 415 -11.05 18.72 -7.48
N LYS A 416 -10.84 19.96 -7.91
CA LYS A 416 -9.66 20.46 -8.60
C LYS A 416 -9.53 19.90 -10.02
N GLU A 417 -10.43 19.01 -10.44
CA GLU A 417 -10.45 18.43 -11.78
C GLU A 417 -11.74 17.63 -11.90
N LYS A 418 -12.22 17.49 -13.14
CA LYS A 418 -13.45 16.71 -13.37
C LYS A 418 -13.08 15.26 -13.72
N SER A 419 -12.46 15.06 -14.88
CA SER A 419 -11.92 13.76 -15.29
C SER A 419 -12.93 12.63 -15.19
N THR A 420 -14.22 12.98 -15.02
CA THR A 420 -15.31 12.08 -14.67
C THR A 420 -15.12 11.53 -13.25
N GLU A 421 -13.98 11.83 -12.64
CA GLU A 421 -13.65 11.57 -11.24
C GLU A 421 -13.48 10.09 -10.95
N MET A 422 -13.85 9.24 -11.91
CA MET A 422 -13.77 7.79 -11.76
C MET A 422 -14.31 7.35 -10.40
N ASN A 423 -15.61 7.58 -10.22
CA ASN A 423 -16.25 7.36 -8.93
C ASN A 423 -16.05 5.92 -8.46
N SER A 424 -16.05 5.75 -7.13
CA SER A 424 -15.84 4.42 -6.58
C SER A 424 -16.91 3.45 -7.04
N LYS A 425 -18.16 3.87 -7.05
CA LYS A 425 -19.21 3.06 -7.63
C LYS A 425 -18.95 2.81 -9.11
N LYS A 426 -18.52 3.85 -9.83
CA LYS A 426 -18.20 3.70 -11.25
C LYS A 426 -17.04 2.72 -11.44
N GLN A 427 -16.04 2.80 -10.57
CA GLN A 427 -14.92 1.86 -10.64
C GLN A 427 -15.38 0.43 -10.41
N LYS A 428 -16.26 0.23 -9.42
CA LYS A 428 -16.80 -1.10 -9.19
C LYS A 428 -17.54 -1.61 -10.42
N GLU A 429 -18.34 -0.73 -11.04
CA GLU A 429 -19.09 -1.12 -12.24
C GLU A 429 -18.16 -1.55 -13.36
N VAL A 430 -17.14 -0.73 -13.63
CA VAL A 430 -16.27 -1.03 -14.77
C VAL A 430 -15.44 -2.27 -14.49
N LEU A 431 -15.00 -2.46 -13.24
CA LEU A 431 -14.26 -3.67 -12.90
C LEU A 431 -15.14 -4.91 -13.04
N LYS A 432 -16.39 -4.84 -12.59
CA LYS A 432 -17.29 -5.98 -12.74
C LYS A 432 -17.52 -6.32 -14.20
N LYS A 433 -17.76 -5.30 -15.03
CA LYS A 433 -18.03 -5.56 -16.44
C LYS A 433 -16.79 -6.08 -17.15
N PHE A 434 -15.60 -5.66 -16.71
CA PHE A 434 -14.38 -6.22 -17.31
C PHE A 434 -14.17 -7.66 -16.87
N ARG A 435 -14.41 -7.96 -15.58
CA ARG A 435 -14.22 -9.32 -15.07
C ARG A 435 -15.16 -10.30 -15.73
N LYS A 436 -16.42 -9.89 -15.94
CA LYS A 436 -17.38 -10.79 -16.56
C LYS A 436 -16.96 -11.13 -17.99
N GLY A 437 -16.26 -10.24 -18.68
CA GLY A 437 -15.93 -10.45 -20.07
C GLY A 437 -16.72 -9.63 -21.05
N GLU A 438 -17.34 -8.53 -20.62
CA GLU A 438 -18.07 -7.68 -21.53
C GLU A 438 -17.12 -6.98 -22.51
N CYS A 439 -16.02 -6.45 -22.00
CA CYS A 439 -15.07 -5.71 -22.82
C CYS A 439 -13.78 -6.51 -22.98
N ASN A 440 -13.00 -6.15 -23.99
CA ASN A 440 -11.75 -6.83 -24.30
C ASN A 440 -10.51 -6.00 -24.04
N LEU A 441 -10.51 -4.73 -24.43
CA LEU A 441 -9.33 -3.89 -24.38
C LEU A 441 -9.47 -2.88 -23.25
N LEU A 442 -8.44 -2.80 -22.40
CA LEU A 442 -8.45 -1.95 -21.22
C LEU A 442 -7.33 -0.92 -21.31
N VAL A 443 -7.67 0.35 -21.13
CA VAL A 443 -6.70 1.44 -21.10
C VAL A 443 -6.61 1.94 -19.67
N ALA A 444 -5.41 1.89 -19.10
CA ALA A 444 -5.25 2.11 -17.67
C ALA A 444 -3.98 2.90 -17.38
N THR A 445 -3.99 3.56 -16.23
CA THR A 445 -2.76 4.06 -15.62
C THR A 445 -2.27 3.01 -14.63
N SER A 446 -1.18 3.30 -13.92
CA SER A 446 -0.56 2.32 -13.03
C SER A 446 -1.35 2.21 -11.72
N VAL A 447 -2.62 1.81 -11.85
CA VAL A 447 -3.46 1.58 -10.70
C VAL A 447 -3.82 0.11 -10.53
N VAL A 448 -3.98 -0.64 -11.62
CA VAL A 448 -4.39 -2.04 -11.54
C VAL A 448 -3.20 -2.98 -11.39
N GLU A 449 -1.99 -2.45 -11.26
CA GLU A 449 -0.78 -3.28 -11.28
C GLU A 449 -0.70 -4.23 -10.09
N GLU A 450 -1.34 -3.92 -8.98
CA GLU A 450 -1.21 -4.75 -7.79
C GLU A 450 -2.39 -4.51 -6.86
N GLY A 451 -2.87 -5.59 -6.25
CA GLY A 451 -3.92 -5.49 -5.27
C GLY A 451 -5.32 -5.70 -5.78
N ILE A 452 -5.48 -6.41 -6.89
CA ILE A 452 -6.80 -6.65 -7.47
C ILE A 452 -6.70 -7.87 -8.37
N ASP A 453 -7.81 -8.60 -8.50
CA ASP A 453 -7.86 -9.78 -9.34
C ASP A 453 -8.46 -9.40 -10.69
N ILE A 454 -7.80 -9.82 -11.76
CA ILE A 454 -8.21 -9.51 -13.12
C ILE A 454 -8.30 -10.82 -13.88
N PRO A 455 -9.21 -10.95 -14.84
CA PRO A 455 -9.22 -12.15 -15.69
C PRO A 455 -7.92 -12.31 -16.44
N LYS A 456 -7.61 -13.56 -16.77
CA LYS A 456 -6.32 -13.89 -17.37
C LYS A 456 -6.13 -13.13 -18.67
N CYS A 457 -4.89 -12.70 -18.91
CA CYS A 457 -4.52 -11.94 -20.10
C CYS A 457 -3.23 -12.50 -20.68
N ASN A 458 -3.06 -12.28 -22.00
CA ASN A 458 -1.87 -12.76 -22.69
C ASN A 458 -1.31 -11.72 -23.64
N LEU A 459 -1.55 -10.43 -23.38
CA LEU A 459 -1.05 -9.38 -24.26
C LEU A 459 -0.97 -8.09 -23.46
N VAL A 460 0.25 -7.67 -23.12
CA VAL A 460 0.48 -6.44 -22.37
C VAL A 460 1.24 -5.49 -23.28
N VAL A 461 0.66 -4.33 -23.54
CA VAL A 461 1.30 -3.29 -24.33
C VAL A 461 1.73 -2.16 -23.41
N ARG A 462 2.98 -2.20 -22.96
CA ARG A 462 3.53 -1.14 -22.13
C ARG A 462 3.80 0.04 -23.03
N PHE A 463 2.75 0.83 -23.26
CA PHE A 463 2.89 2.01 -24.09
C PHE A 463 3.92 2.98 -23.54
N ASP A 464 4.23 2.88 -22.25
CA ASP A 464 5.32 3.62 -21.64
C ASP A 464 6.23 2.66 -20.88
N LEU A 465 7.48 3.08 -20.69
CA LEU A 465 8.51 2.21 -20.15
C LEU A 465 8.37 2.05 -18.63
N PRO A 466 8.87 0.95 -18.07
CA PRO A 466 8.89 0.81 -16.61
C PRO A 466 9.82 1.84 -15.97
N LYS A 467 9.48 2.23 -14.75
CA LYS A 467 10.18 3.29 -14.05
C LYS A 467 11.33 2.78 -13.18
N ASN A 468 11.05 1.83 -12.30
CA ASN A 468 12.06 1.31 -11.39
C ASN A 468 11.94 -0.21 -11.35
N PHE A 469 12.63 -0.82 -10.39
CA PHE A 469 12.68 -2.27 -10.33
C PHE A 469 11.30 -2.87 -10.01
N ARG A 470 10.67 -2.38 -8.96
CA ARG A 470 9.42 -3.00 -8.50
C ARG A 470 8.32 -2.86 -9.54
N SER A 471 8.21 -1.68 -10.15
CA SER A 471 7.18 -1.47 -11.16
C SER A 471 7.37 -2.40 -12.35
N TYR A 472 8.62 -2.56 -12.78
CA TYR A 472 8.88 -3.49 -13.88
C TYR A 472 8.51 -4.91 -13.50
N VAL A 473 8.84 -5.32 -12.27
CA VAL A 473 8.52 -6.69 -11.85
C VAL A 473 7.01 -6.90 -11.87
N GLN A 474 6.26 -5.98 -11.27
CA GLN A 474 4.81 -6.15 -11.19
C GLN A 474 4.17 -6.10 -12.57
N SER A 475 4.62 -5.19 -13.44
CA SER A 475 4.07 -5.11 -14.78
C SER A 475 4.35 -6.39 -15.56
N LYS A 476 5.55 -6.94 -15.44
CA LYS A 476 5.87 -8.17 -16.15
C LYS A 476 5.07 -9.34 -15.61
N GLY A 477 4.73 -9.32 -14.33
CA GLY A 477 4.00 -10.46 -13.79
C GLY A 477 2.53 -10.54 -14.17
N ARG A 478 1.99 -9.48 -14.79
CA ARG A 478 0.53 -9.40 -14.92
C ARG A 478 -0.02 -10.43 -15.90
N ALA A 479 0.57 -10.52 -17.10
CA ALA A 479 0.02 -11.41 -18.10
C ALA A 479 0.16 -12.86 -17.66
N ARG A 480 -0.91 -13.65 -17.84
CA ARG A 480 -0.89 -15.04 -17.41
C ARG A 480 -1.50 -16.03 -18.39
N ALA A 481 -2.20 -15.60 -19.43
CA ALA A 481 -2.90 -16.52 -20.30
C ALA A 481 -1.91 -17.20 -21.25
N LYS A 482 -2.44 -17.99 -22.18
CA LYS A 482 -1.59 -18.75 -23.09
C LYS A 482 -0.74 -17.83 -23.95
N ASN A 483 0.56 -18.13 -24.00
CA ASN A 483 1.51 -17.39 -24.84
C ASN A 483 1.46 -15.89 -24.55
N SER A 484 1.65 -15.54 -23.29
CA SER A 484 1.66 -14.15 -22.88
C SER A 484 2.80 -13.40 -23.55
N LYS A 485 2.53 -12.16 -23.97
CA LYS A 485 3.49 -11.35 -24.71
C LYS A 485 3.73 -10.04 -23.97
N TYR A 486 4.86 -9.96 -23.27
CA TYR A 486 5.27 -8.72 -22.61
C TYR A 486 5.93 -7.83 -23.65
N ILE A 487 5.32 -6.68 -23.92
CA ILE A 487 5.70 -5.85 -25.05
C ILE A 487 6.12 -4.48 -24.55
N ILE A 488 7.21 -3.96 -25.10
CA ILE A 488 7.72 -2.65 -24.73
C ILE A 488 7.96 -1.84 -26.00
N MET A 489 7.42 -0.64 -26.04
CA MET A 489 7.61 0.28 -27.16
C MET A 489 8.70 1.27 -26.77
N VAL A 490 9.88 1.13 -27.38
CA VAL A 490 11.04 1.92 -27.03
C VAL A 490 11.61 2.55 -28.30
N GLU A 491 11.96 3.84 -28.22
CA GLU A 491 12.60 4.49 -29.35
C GLU A 491 13.93 3.81 -29.65
N GLU A 492 14.28 3.78 -30.93
CA GLU A 492 15.47 3.04 -31.36
C GLU A 492 16.74 3.61 -30.74
N ASP A 493 16.75 4.91 -30.44
CA ASP A 493 17.97 5.55 -29.96
C ASP A 493 18.29 5.23 -28.51
N GLU A 494 17.29 4.83 -27.71
CA GLU A 494 17.54 4.42 -26.34
C GLU A 494 17.55 2.91 -26.17
N LYS A 495 17.62 2.16 -27.27
CA LYS A 495 17.51 0.71 -27.18
C LYS A 495 18.66 0.11 -26.38
N ASN A 496 19.88 0.58 -26.61
CA ASN A 496 21.03 0.03 -25.89
C ASN A 496 20.96 0.36 -24.41
N LYS A 497 20.60 1.60 -24.07
CA LYS A 497 20.47 1.99 -22.67
C LYS A 497 19.41 1.16 -21.98
N PHE A 498 18.26 0.95 -22.64
CA PHE A 498 17.22 0.16 -22.02
C PHE A 498 17.65 -1.30 -21.90
N GLN A 499 18.41 -1.79 -22.88
CA GLN A 499 18.89 -3.17 -22.81
C GLN A 499 19.82 -3.37 -21.63
N GLU A 500 20.75 -2.44 -21.41
CA GLU A 500 21.64 -2.61 -20.27
C GLU A 500 20.90 -2.42 -18.95
N ASP A 501 19.89 -1.55 -18.92
CA ASP A 501 19.06 -1.45 -17.73
C ASP A 501 18.35 -2.76 -17.44
N LEU A 502 17.85 -3.42 -18.49
CA LEU A 502 17.22 -4.72 -18.32
C LEU A 502 18.20 -5.75 -17.81
N ASN A 503 19.43 -5.70 -18.32
CA ASN A 503 20.46 -6.61 -17.84
C ASN A 503 20.70 -6.40 -16.35
N GLN A 504 20.78 -5.13 -15.93
CA GLN A 504 20.95 -4.82 -14.51
C GLN A 504 19.78 -5.33 -13.69
N TYR A 505 18.55 -5.13 -14.17
CA TYR A 505 17.40 -5.65 -13.44
C TYR A 505 17.46 -7.17 -13.32
N GLN A 506 17.83 -7.84 -14.40
CA GLN A 506 17.85 -9.30 -14.40
C GLN A 506 18.90 -9.83 -13.43
N GLU A 507 20.09 -9.21 -13.40
CA GLU A 507 21.07 -9.66 -12.41
C GLU A 507 20.63 -9.36 -10.99
N ILE A 508 19.93 -8.24 -10.79
CA ILE A 508 19.43 -7.94 -9.44
C ILE A 508 18.46 -9.04 -9.01
N GLU A 509 17.56 -9.43 -9.91
CA GLU A 509 16.63 -10.51 -9.60
C GLU A 509 17.37 -11.83 -9.36
N LYS A 510 18.40 -12.11 -10.15
CA LYS A 510 19.13 -13.36 -9.98
C LYS A 510 19.84 -13.41 -8.64
N ILE A 511 20.54 -12.35 -8.27
CA ILE A 511 21.22 -12.35 -6.99
C ILE A 511 20.22 -12.32 -5.84
N LEU A 512 19.05 -11.72 -6.05
CA LEU A 512 18.01 -11.75 -5.03
C LEU A 512 17.52 -13.18 -4.79
N LEU A 513 17.24 -13.91 -5.87
CA LEU A 513 16.81 -15.29 -5.72
C LEU A 513 17.95 -16.20 -5.27
N ARG A 514 19.20 -15.76 -5.42
CA ARG A 514 20.34 -16.57 -5.02
C ARG A 514 20.75 -16.35 -3.56
N LEU A 515 20.50 -15.16 -3.02
CA LEU A 515 20.91 -14.89 -1.65
C LEU A 515 20.01 -15.58 -0.63
N CYS A 516 18.77 -15.90 -0.99
CA CYS A 516 17.80 -16.37 -0.02
C CYS A 516 17.97 -17.85 0.29
N HIS A 517 19.17 -18.26 0.70
CA HIS A 517 19.46 -19.63 1.11
C HIS A 517 20.03 -19.62 2.51
N ASN A 518 19.54 -20.56 3.34
CA ASN A 518 19.96 -20.67 4.74
C ASN A 518 19.79 -19.34 5.47
N ARG A 519 18.65 -18.69 5.24
CA ARG A 519 18.37 -17.41 5.87
C ARG A 519 17.75 -17.62 7.26
N ASP A 520 18.52 -18.30 8.10
CA ASP A 520 18.11 -18.61 9.47
C ASP A 520 18.72 -17.67 10.49
N ALA A 521 19.47 -16.65 10.06
CA ALA A 521 20.12 -15.74 10.99
C ALA A 521 19.19 -14.61 11.37
N PRO A 522 18.83 -14.45 12.63
CA PRO A 522 17.98 -13.32 13.04
C PRO A 522 18.78 -12.03 13.20
N SER A 523 18.06 -10.92 13.08
CA SER A 523 18.70 -9.62 13.22
C SER A 523 19.26 -9.42 14.63
N GLU A 524 18.49 -9.82 15.64
CA GLU A 524 18.92 -9.71 17.04
C GLU A 524 19.20 -8.27 17.44
N GLU A 525 20.49 -7.91 17.57
CA GLU A 525 20.84 -6.59 18.08
C GLU A 525 20.56 -5.47 17.09
N ASP A 526 20.46 -5.77 15.80
CA ASP A 526 20.16 -4.70 14.84
C ASP A 526 18.81 -4.08 15.10
N PHE A 527 17.88 -4.84 15.69
CA PHE A 527 16.60 -4.25 16.11
C PHE A 527 16.81 -3.21 17.20
N ASP A 528 17.70 -3.49 18.16
CA ASP A 528 18.01 -2.51 19.19
C ASP A 528 18.73 -1.30 18.61
N SER A 529 19.55 -1.52 17.58
CA SER A 529 20.28 -0.41 16.96
C SER A 529 19.38 0.56 16.21
N PHE A 530 18.11 0.21 16.00
CA PHE A 530 17.19 1.06 15.24
C PHE A 530 17.03 2.40 15.95
N GLU A 531 17.14 3.48 15.18
CA GLU A 531 17.22 4.82 15.73
C GLU A 531 15.91 5.24 16.39
N ASP A 532 15.95 6.37 17.07
CA ASP A 532 14.81 6.92 17.77
C ASP A 532 14.52 8.33 17.27
N GLU A 533 13.50 8.94 17.85
CA GLU A 533 13.13 10.32 17.54
C GLU A 533 14.03 11.26 18.33
N LEU A 534 13.68 12.55 18.36
CA LEU A 534 14.50 13.54 19.03
C LEU A 534 13.91 14.09 20.32
N LEU A 535 12.61 13.94 20.54
CA LEU A 535 11.97 14.46 21.74
C LEU A 535 11.09 13.39 22.36
N PRO A 536 10.97 13.40 23.69
CA PRO A 536 10.12 12.41 24.35
C PRO A 536 8.65 12.70 24.11
N PRO A 537 7.85 11.67 23.86
CA PRO A 537 6.41 11.89 23.65
C PRO A 537 5.70 12.33 24.92
N TYR A 538 4.61 13.07 24.72
CA TYR A 538 3.81 13.62 25.81
C TYR A 538 2.92 12.53 26.39
N MET A 539 3.24 12.08 27.59
CA MET A 539 2.57 10.93 28.22
C MET A 539 2.10 11.37 29.60
N PRO A 540 0.93 11.99 29.71
CA PRO A 540 0.51 12.55 31.00
C PRO A 540 0.42 11.53 32.11
N TYR A 541 -0.02 10.32 31.81
CA TYR A 541 -0.22 9.29 32.82
C TYR A 541 0.63 8.07 32.56
N GLY A 542 1.78 8.27 31.90
CA GLY A 542 2.68 7.18 31.61
C GLY A 542 2.03 6.16 30.69
N THR A 543 2.44 4.90 30.86
CA THR A 543 1.82 3.82 30.10
C THR A 543 0.34 3.68 30.43
N ASP A 544 -0.09 4.22 31.57
CA ASP A 544 -1.50 4.23 31.93
C ASP A 544 -2.27 5.37 31.27
N GLY A 545 -1.60 6.20 30.48
CA GLY A 545 -2.26 7.26 29.75
C GLY A 545 -2.03 7.15 28.26
N PRO A 546 -2.68 8.03 27.51
CA PRO A 546 -2.48 8.04 26.06
C PRO A 546 -1.12 8.60 25.70
N ARG A 547 -0.78 8.48 24.42
CA ARG A 547 0.49 8.94 23.88
C ARG A 547 0.26 9.95 22.76
N VAL A 548 1.23 10.84 22.57
CA VAL A 548 1.26 11.73 21.42
C VAL A 548 2.68 11.75 20.90
N THR A 549 2.93 11.04 19.81
CA THR A 549 4.28 10.97 19.28
C THR A 549 4.70 12.31 18.68
N MET A 550 6.00 12.44 18.45
CA MET A 550 6.54 13.68 17.91
C MET A 550 6.09 13.88 16.46
N SER A 551 5.94 12.79 15.71
CA SER A 551 5.64 12.85 14.29
C SER A 551 4.19 12.54 13.95
N SER A 552 3.25 12.88 14.85
CA SER A 552 1.83 12.71 14.55
C SER A 552 0.98 13.84 15.09
N ALA A 553 1.58 14.94 15.57
CA ALA A 553 0.80 16.02 16.17
C ALA A 553 0.10 16.89 15.12
N ILE A 554 0.65 16.97 13.91
CA ILE A 554 0.10 17.88 12.91
C ILE A 554 -1.31 17.46 12.53
N SER A 555 -1.49 16.17 12.25
CA SER A 555 -2.80 15.69 11.87
C SER A 555 -3.80 15.88 13.00
N LEU A 556 -3.39 15.63 14.24
CA LEU A 556 -4.30 15.80 15.37
C LEU A 556 -4.70 17.26 15.52
N LEU A 557 -3.76 18.19 15.33
CA LEU A 557 -4.11 19.60 15.41
C LEU A 557 -5.10 19.98 14.32
N HIS A 558 -4.87 19.51 13.10
CA HIS A 558 -5.83 19.79 12.03
C HIS A 558 -7.20 19.22 12.35
N ARG A 559 -7.23 18.01 12.89
CA ARG A 559 -8.49 17.36 13.23
C ARG A 559 -9.24 18.14 14.29
N TYR A 560 -8.54 18.57 15.34
CA TYR A 560 -9.20 19.37 16.38
C TYR A 560 -9.72 20.67 15.82
N CYS A 561 -8.92 21.34 14.98
CA CYS A 561 -9.35 22.62 14.43
C CYS A 561 -10.59 22.44 13.57
N SER A 562 -10.62 21.40 12.74
CA SER A 562 -11.80 21.14 11.93
C SER A 562 -13.01 20.83 12.81
N LYS A 563 -12.82 20.00 13.84
CA LYS A 563 -13.91 19.67 14.74
C LYS A 563 -14.22 20.79 15.72
N LEU A 564 -13.38 21.80 15.81
CA LEU A 564 -13.67 22.94 16.67
C LEU A 564 -14.89 23.66 16.10
N PRO A 565 -15.94 23.88 16.90
CA PRO A 565 -17.16 24.49 16.37
C PRO A 565 -16.94 25.89 15.83
N SER A 566 -17.09 26.05 14.53
CA SER A 566 -16.85 27.32 13.85
C SER A 566 -17.28 27.15 12.39
N ASP A 567 -17.11 28.22 11.61
CA ASP A 567 -17.33 28.13 10.17
C ASP A 567 -16.17 27.38 9.53
N ARG A 568 -16.50 26.33 8.77
CA ARG A 568 -15.49 25.42 8.23
C ARG A 568 -14.87 26.01 6.95
N PHE A 569 -14.09 27.07 7.15
CA PHE A 569 -13.35 27.65 6.05
C PHE A 569 -12.23 26.71 5.63
N THR A 570 -12.02 26.61 4.31
CA THR A 570 -10.93 25.80 3.79
C THR A 570 -9.57 26.44 4.06
N THR A 571 -9.53 27.71 4.44
CA THR A 571 -8.30 28.41 4.73
C THR A 571 -7.86 28.24 6.17
N LEU A 572 -8.58 27.44 6.96
CA LEU A 572 -8.33 27.29 8.39
C LEU A 572 -7.05 26.55 8.71
N THR A 573 -6.19 26.23 7.74
CA THR A 573 -4.93 25.58 8.06
C THR A 573 -4.09 26.51 8.94
N PRO A 574 -3.38 25.98 9.94
CA PRO A 574 -2.64 26.84 10.85
C PRO A 574 -1.56 27.65 10.15
N LYS A 575 -1.27 28.82 10.71
CA LYS A 575 -0.31 29.76 10.14
C LYS A 575 1.05 29.55 10.77
N PHE A 576 2.08 29.47 9.94
CA PHE A 576 3.45 29.27 10.40
C PHE A 576 4.35 30.35 9.82
N THR A 577 5.37 30.72 10.60
CA THR A 577 6.37 31.67 10.17
C THR A 577 7.74 30.99 10.16
N TYR A 578 8.58 31.38 9.21
CA TYR A 578 9.87 30.73 9.01
C TYR A 578 10.99 31.75 9.13
N ILE A 579 12.12 31.29 9.67
CA ILE A 579 13.31 32.10 9.80
C ILE A 579 14.53 31.19 9.71
N GLU A 580 15.57 31.66 9.04
CA GLU A 580 16.79 30.90 8.83
C GLU A 580 17.93 31.57 9.58
N GLN A 581 18.58 30.82 10.47
CA GLN A 581 19.73 31.31 11.23
C GLN A 581 20.83 30.27 11.18
N ASN A 582 21.93 30.57 11.88
CA ASN A 582 23.07 29.68 11.97
C ASN A 582 23.51 29.58 13.42
N ASN A 583 24.03 28.41 13.78
CA ASN A 583 24.44 28.15 15.16
C ASN A 583 25.81 28.77 15.41
N GLU A 584 26.43 28.41 16.54
CA GLU A 584 27.76 28.94 16.86
C GLU A 584 28.78 28.51 15.83
N GLU A 585 28.73 27.26 15.40
CA GLU A 585 29.60 26.76 14.34
C GLU A 585 29.12 27.21 12.96
N GLU A 586 27.96 27.85 12.89
CA GLU A 586 27.36 28.43 11.68
C GLU A 586 26.79 27.38 10.74
N ASN A 587 26.31 26.27 11.27
CA ASN A 587 25.58 25.32 10.45
C ASN A 587 24.18 25.84 10.14
N LYS A 588 23.53 25.21 9.17
CA LYS A 588 22.17 25.57 8.83
C LYS A 588 21.25 25.27 10.01
N MET A 589 20.41 26.25 10.34
CA MET A 589 19.50 26.13 11.47
C MET A 589 18.13 26.64 11.04
N PHE A 590 17.09 26.19 11.76
CA PHE A 590 15.74 26.57 11.41
C PHE A 590 14.91 26.73 12.67
N ARG A 591 13.80 27.44 12.52
CA ARG A 591 12.86 27.66 13.62
C ARG A 591 11.52 28.07 13.04
N CYS A 592 10.44 27.71 13.73
CA CYS A 592 9.10 28.04 13.27
C CYS A 592 8.26 28.49 14.46
N THR A 593 7.16 29.18 14.14
CA THR A 593 6.17 29.59 15.12
C THR A 593 4.81 29.07 14.68
N LEU A 594 4.07 28.48 15.62
CA LEU A 594 2.82 27.80 15.32
C LEU A 594 1.65 28.64 15.80
N ARG A 595 0.77 29.02 14.87
CA ARG A 595 -0.45 29.73 15.19
C ARG A 595 -1.55 28.75 15.50
N LEU A 596 -2.46 29.15 16.39
CA LEU A 596 -3.66 28.40 16.67
C LEU A 596 -4.86 29.33 16.51
N PRO A 597 -6.07 28.77 16.29
CA PRO A 597 -7.20 29.61 15.89
C PRO A 597 -7.53 30.67 16.92
N ILE A 598 -8.00 31.81 16.43
CA ILE A 598 -8.38 32.92 17.31
C ILE A 598 -9.62 32.56 18.12
N ASN A 599 -10.57 31.85 17.51
CA ASN A 599 -11.80 31.50 18.22
C ASN A 599 -11.52 30.62 19.42
N SER A 600 -10.41 29.88 19.41
CA SER A 600 -10.03 29.10 20.56
C SER A 600 -9.68 30.03 21.72
N PRO A 601 -9.75 29.53 22.96
CA PRO A 601 -9.39 30.38 24.11
C PRO A 601 -7.99 30.95 24.01
N LEU A 602 -7.09 30.27 23.31
CA LEU A 602 -5.74 30.76 23.08
C LEU A 602 -5.62 31.25 21.64
N ARG A 603 -4.87 32.32 21.44
CA ARG A 603 -4.67 32.90 20.12
C ARG A 603 -3.21 33.10 19.75
N GLU A 604 -2.37 33.48 20.71
CA GLU A 604 -0.99 33.82 20.39
C GLU A 604 -0.24 32.59 19.87
N PRO A 605 0.60 32.76 18.86
CA PRO A 605 1.40 31.62 18.37
C PRO A 605 2.58 31.33 19.26
N ILE A 606 3.07 30.09 19.16
CA ILE A 606 4.18 29.60 19.98
C ILE A 606 5.27 29.09 19.05
N THR A 607 6.51 29.13 19.53
CA THR A 607 7.68 28.74 18.75
C THR A 607 8.34 27.52 19.36
N GLY A 608 8.76 26.57 18.51
CA GLY A 608 9.35 25.34 18.96
C GLY A 608 10.85 25.41 19.16
N GLN A 609 11.44 24.24 19.40
CA GLN A 609 12.87 24.08 19.65
C GLN A 609 13.66 24.13 18.35
N PRO A 610 14.95 24.44 18.41
CA PRO A 610 15.74 24.58 17.18
C PRO A 610 16.05 23.24 16.54
N MET A 611 15.40 22.97 15.41
CA MET A 611 15.61 21.77 14.62
C MET A 611 16.43 22.10 13.37
N PRO A 612 17.24 21.16 12.88
CA PRO A 612 18.09 21.44 11.72
C PRO A 612 17.38 21.41 10.37
N SER A 613 16.11 21.03 10.32
CA SER A 613 15.36 21.04 9.06
C SER A 613 13.99 21.65 9.31
N LYS A 614 13.39 22.17 8.24
CA LYS A 614 12.13 22.91 8.38
C LYS A 614 11.02 22.02 8.91
N LYS A 615 10.84 20.84 8.31
CA LYS A 615 9.76 19.96 8.73
C LYS A 615 9.97 19.45 10.15
N LEU A 616 11.22 19.21 10.54
CA LEU A 616 11.49 18.82 11.91
C LEU A 616 11.07 19.91 12.88
N ALA A 617 11.36 21.17 12.55
CA ALA A 617 10.93 22.27 13.39
C ALA A 617 9.40 22.33 13.48
N LYS A 618 8.73 22.12 12.34
CA LYS A 618 7.28 22.08 12.36
C LYS A 618 6.76 21.02 13.32
N ARG A 619 7.28 19.80 13.20
CA ARG A 619 6.78 18.71 14.02
C ARG A 619 7.07 18.95 15.49
N SER A 620 8.26 19.46 15.81
CA SER A 620 8.59 19.76 17.20
C SER A 620 7.67 20.83 17.76
N ALA A 621 7.41 21.88 16.99
CA ALA A 621 6.51 22.92 17.46
C ALA A 621 5.12 22.36 17.71
N ALA A 622 4.63 21.51 16.81
CA ALA A 622 3.33 20.92 17.01
C ALA A 622 3.29 20.10 18.30
N LEU A 623 4.32 19.29 18.54
CA LEU A 623 4.34 18.49 19.76
C LEU A 623 4.34 19.39 20.98
N GLU A 624 5.15 20.45 20.98
CA GLU A 624 5.23 21.31 22.15
C GLU A 624 3.90 21.99 22.42
N ALA A 625 3.21 22.43 21.37
CA ALA A 625 1.92 23.07 21.57
C ALA A 625 0.81 22.08 21.90
N CYS A 626 1.01 20.79 21.60
CA CYS A 626 -0.08 19.83 21.74
C CYS A 626 -0.55 19.72 23.19
N LYS A 627 0.39 19.49 24.12
CA LYS A 627 0.01 19.29 25.51
C LYS A 627 -0.69 20.51 26.09
N LYS A 628 -0.47 21.68 25.50
CA LYS A 628 -0.99 22.93 26.07
C LYS A 628 -2.50 22.92 26.12
N LEU A 629 -3.15 22.41 25.08
CA LEU A 629 -4.60 22.42 25.07
C LEU A 629 -5.18 21.36 26.01
N HIS A 630 -4.48 20.23 26.17
CA HIS A 630 -4.95 19.23 27.13
C HIS A 630 -4.86 19.74 28.55
N GLU A 631 -3.71 20.30 28.93
CA GLU A 631 -3.48 20.63 30.33
C GLU A 631 -4.46 21.68 30.86
N MET A 632 -5.05 22.48 29.98
CA MET A 632 -6.03 23.47 30.39
C MET A 632 -7.46 22.96 30.29
N GLY A 633 -7.65 21.69 29.92
CA GLY A 633 -8.95 21.09 29.93
C GLY A 633 -9.69 21.05 28.61
N GLU A 634 -9.04 21.38 27.50
CA GLU A 634 -9.70 21.31 26.20
C GLU A 634 -9.67 19.91 25.59
N LEU A 635 -9.07 18.94 26.27
CA LEU A 635 -8.98 17.58 25.78
C LEU A 635 -9.55 16.63 26.83
N ASP A 636 -10.08 15.51 26.35
CA ASP A 636 -10.71 14.53 27.23
C ASP A 636 -9.65 13.75 27.98
N ASP A 637 -10.09 12.73 28.73
CA ASP A 637 -9.15 11.85 29.42
C ASP A 637 -8.29 11.06 28.45
N HIS A 638 -8.72 10.95 27.19
CA HIS A 638 -8.00 10.18 26.19
C HIS A 638 -7.33 11.05 25.15
N LEU A 639 -7.15 12.34 25.44
CA LEU A 639 -6.53 13.34 24.58
C LEU A 639 -7.35 13.64 23.33
N LEU A 640 -8.51 13.02 23.16
CA LEU A 640 -9.35 13.31 22.02
C LEU A 640 -9.99 14.69 22.19
N PRO A 641 -10.45 15.29 21.09
CA PRO A 641 -11.27 16.50 21.23
C PRO A 641 -12.49 16.21 22.09
N VAL A 642 -12.88 17.20 22.88
CA VAL A 642 -13.94 17.00 23.87
C VAL A 642 -15.20 16.51 23.19
N LYS A 643 -15.74 15.40 23.68
CA LYS A 643 -16.88 14.73 23.07
C LYS A 643 -18.22 15.27 23.57
N ILE A 644 -18.20 16.33 24.38
CA ILE A 644 -19.45 16.95 24.83
C ILE A 644 -20.19 17.49 23.61
N SER A 645 -21.50 17.26 23.57
CA SER A 645 -22.31 17.70 22.45
C SER A 645 -22.33 19.22 22.36
N ARG A 646 -22.47 19.73 21.14
CA ARG A 646 -22.48 21.16 20.91
C ARG A 646 -23.73 21.83 21.47
N LYS A 647 -24.76 21.06 21.80
CA LYS A 647 -25.94 21.63 22.45
C LYS A 647 -25.59 22.22 23.81
N ASN A 648 -24.76 21.52 24.57
CA ASN A 648 -24.34 22.00 25.88
C ASN A 648 -23.46 23.24 25.77
#